data_3C88
#
_entry.id   3C88
#
_cell.length_a   50.883
_cell.length_b   66.392
_cell.length_c   64.746
_cell.angle_alpha   90.00
_cell.angle_beta   98.28
_cell.angle_gamma   90.00
#
_symmetry.space_group_name_H-M   'P 1 21 1'
#
loop_
_entity.id
_entity.type
_entity.pdbx_description
1 polymer 'Botulinum neurotoxin A light chain'
2 polymer 'Inhibitor peptide RRGC'
3 non-polymer 'ZINC ION'
4 non-polymer 'SULFATE ION'
5 non-polymer 'SODIUM ION'
6 water water
#
loop_
_entity_poly.entity_id
_entity_poly.type
_entity_poly.pdbx_seq_one_letter_code
_entity_poly.pdbx_strand_id
1 'polypeptide(L)'
;MPFVNKQFNYKDPVNGVDIAYIKIPNAGQMQPVKAFKIHNKIWVIPERDTFTNPEEGDLNPPPEAKQVPVSYYDSTYLST
DNEKDNYLKGVTKLFERIYSTDLGRMLLTSIVRGIPFWGGSTIDTELKVIDTNCINVIQPDGSYRSEELNLVIIGPSADI
IQFECKSFGHEVLNLTRNGYGSTQYIRFSPDFTFGFEESLEVDTNPLLGAGKFATDPAVTLAHELIHAGHRLYGIAINPN
RVFKVNTNAYYEMSGLEVSFEELRTFGGHDAKFIDSLQENEFRLYYYNKFKDIASTLNKAKSIVGTTASLQYMKNVFKEK
YLLSEDTSGKFSVDKLKFDKLYKMLTEIYTEDNFVKFFKVLNRKTYLNFDKAVFKINIVPKVNYTIYDGFNLRNTNLAAN
FNGQNTEINNMNFTKLKNFTGLFELEHHHHHH
;
A
2 'polypeptide(L)' RRGC(NH2) B
#
# COMPACT_ATOMS: atom_id res chain seq x y z
N PRO A 2 -17.96 10.97 -2.28
CA PRO A 2 -17.14 9.79 -2.60
C PRO A 2 -15.66 10.14 -2.77
N PHE A 3 -14.80 9.17 -2.53
CA PHE A 3 -13.36 9.38 -2.66
C PHE A 3 -13.01 9.51 -4.14
N VAL A 4 -13.70 8.73 -4.97
CA VAL A 4 -13.50 8.74 -6.40
C VAL A 4 -14.77 9.33 -7.01
N ASN A 5 -14.70 10.61 -7.39
CA ASN A 5 -15.85 11.31 -7.95
C ASN A 5 -16.33 10.84 -9.32
N LYS A 6 -15.52 10.05 -10.01
CA LYS A 6 -15.90 9.58 -11.34
C LYS A 6 -15.85 8.06 -11.46
N GLN A 7 -16.89 7.49 -12.06
CA GLN A 7 -16.97 6.05 -12.25
C GLN A 7 -16.34 5.69 -13.59
N PHE A 8 -15.02 5.66 -13.63
CA PHE A 8 -14.26 5.35 -14.84
C PHE A 8 -14.56 3.99 -15.44
N ASN A 9 -14.47 3.92 -16.76
CA ASN A 9 -14.64 2.69 -17.52
C ASN A 9 -13.28 2.59 -18.21
N TYR A 10 -12.70 1.40 -18.26
CA TYR A 10 -11.39 1.27 -18.86
C TYR A 10 -11.34 1.81 -20.29
N LYS A 11 -12.43 1.67 -21.03
CA LYS A 11 -12.46 2.13 -22.41
C LYS A 11 -12.77 3.62 -22.62
N ASP A 12 -12.93 4.37 -21.54
CA ASP A 12 -13.21 5.80 -21.67
C ASP A 12 -12.06 6.44 -22.44
N PRO A 13 -12.37 7.35 -23.37
CA PRO A 13 -11.29 7.99 -24.13
C PRO A 13 -10.32 8.78 -23.27
N VAL A 14 -9.04 8.76 -23.63
CA VAL A 14 -8.03 9.50 -22.88
C VAL A 14 -8.29 10.99 -23.04
N ASN A 15 -7.99 11.74 -22.00
CA ASN A 15 -8.17 13.19 -22.03
C ASN A 15 -6.88 13.91 -21.64
N GLY A 16 -5.85 13.14 -21.33
CA GLY A 16 -4.58 13.75 -20.97
C GLY A 16 -4.55 14.43 -19.61
N VAL A 17 -5.61 14.25 -18.82
CA VAL A 17 -5.68 14.84 -17.50
C VAL A 17 -5.84 13.75 -16.45
N ASP A 18 -7.01 13.14 -16.37
CA ASP A 18 -7.20 12.05 -15.41
C ASP A 18 -7.36 10.69 -16.05
N ILE A 19 -7.31 10.65 -17.39
CA ILE A 19 -7.34 9.40 -18.15
C ILE A 19 -6.26 9.66 -19.20
N ALA A 20 -5.13 9.00 -19.07
CA ALA A 20 -4.05 9.25 -20.01
C ALA A 20 -3.04 8.14 -20.10
N TYR A 21 -2.20 8.21 -21.12
CA TYR A 21 -1.14 7.26 -21.32
C TYR A 21 0.06 7.87 -20.60
N ILE A 22 0.71 7.08 -19.76
CA ILE A 22 1.83 7.58 -18.98
C ILE A 22 3.02 6.64 -19.00
N LYS A 23 4.15 7.17 -18.53
CA LYS A 23 5.37 6.40 -18.39
C LYS A 23 5.87 6.69 -16.99
N ILE A 24 6.42 5.67 -16.34
CA ILE A 24 6.92 5.83 -14.99
C ILE A 24 8.44 5.91 -15.04
N PRO A 25 9.05 6.59 -14.07
CA PRO A 25 10.51 6.73 -14.03
C PRO A 25 11.23 5.49 -13.50
N ASN A 26 11.26 4.44 -14.30
CA ASN A 26 11.93 3.20 -13.90
C ASN A 26 13.36 3.17 -14.42
N ALA A 27 13.86 4.33 -14.84
CA ALA A 27 15.22 4.46 -15.36
C ALA A 27 15.44 3.57 -16.59
N GLY A 28 14.34 3.12 -17.19
CA GLY A 28 14.45 2.28 -18.37
C GLY A 28 13.45 2.70 -19.44
N GLN A 29 13.32 1.91 -20.48
CA GLN A 29 12.39 2.21 -21.56
C GLN A 29 11.11 1.40 -21.42
N MET A 30 10.00 1.96 -21.86
CA MET A 30 8.71 1.28 -21.79
C MET A 30 7.70 1.99 -22.69
N GLN A 31 6.73 1.23 -23.18
CA GLN A 31 5.69 1.81 -24.00
C GLN A 31 4.72 2.43 -23.01
N PRO A 32 4.12 3.58 -23.34
CA PRO A 32 3.19 4.18 -22.38
C PRO A 32 2.01 3.26 -22.05
N VAL A 33 1.50 3.38 -20.83
CA VAL A 33 0.39 2.55 -20.39
C VAL A 33 -0.79 3.44 -20.00
N LYS A 34 -2.00 2.97 -20.24
CA LYS A 34 -3.20 3.74 -19.91
C LYS A 34 -3.42 3.75 -18.40
N ALA A 35 -3.50 4.94 -17.82
CA ALA A 35 -3.72 5.09 -16.39
C ALA A 35 -4.89 6.02 -16.08
N PHE A 36 -5.38 5.92 -14.85
CA PHE A 36 -6.52 6.69 -14.39
C PHE A 36 -6.22 7.36 -13.07
N LYS A 37 -6.47 8.67 -13.00
CA LYS A 37 -6.25 9.42 -11.77
C LYS A 37 -7.58 9.42 -11.03
N ILE A 38 -7.68 8.63 -9.96
CA ILE A 38 -8.92 8.50 -9.21
C ILE A 38 -9.14 9.53 -8.11
N HIS A 39 -8.07 10.21 -7.71
CA HIS A 39 -8.17 11.21 -6.64
C HIS A 39 -6.89 12.03 -6.69
N ASN A 40 -6.91 13.22 -6.09
CA ASN A 40 -5.72 14.05 -6.07
C ASN A 40 -4.52 13.20 -5.58
N LYS A 41 -3.44 13.22 -6.36
CA LYS A 41 -2.20 12.50 -6.04
C LYS A 41 -2.24 10.98 -6.13
N ILE A 42 -3.36 10.41 -6.57
CA ILE A 42 -3.48 8.95 -6.63
C ILE A 42 -3.92 8.42 -7.99
N TRP A 43 -3.10 7.53 -8.57
CA TRP A 43 -3.39 6.93 -9.87
C TRP A 43 -3.50 5.40 -9.82
N VAL A 44 -4.22 4.84 -10.79
CA VAL A 44 -4.39 3.39 -10.91
C VAL A 44 -3.96 2.97 -12.33
N ILE A 45 -3.10 1.96 -12.40
CA ILE A 45 -2.63 1.44 -13.69
C ILE A 45 -3.09 -0.01 -13.77
N PRO A 46 -4.14 -0.28 -14.56
CA PRO A 46 -4.67 -1.63 -14.70
C PRO A 46 -3.79 -2.53 -15.56
N GLU A 47 -2.54 -2.71 -15.16
CA GLU A 47 -1.61 -3.55 -15.90
C GLU A 47 -0.80 -4.39 -14.92
N ARG A 48 -0.29 -5.53 -15.40
CA ARG A 48 0.54 -6.35 -14.56
C ARG A 48 1.82 -5.54 -14.45
N ASP A 49 2.44 -5.50 -13.28
CA ASP A 49 3.65 -4.70 -13.13
C ASP A 49 4.94 -5.33 -13.63
N THR A 50 5.29 -4.98 -14.86
CA THR A 50 6.51 -5.44 -15.50
C THR A 50 7.37 -4.20 -15.71
N PHE A 51 7.03 -3.13 -14.99
CA PHE A 51 7.71 -1.84 -15.14
C PHE A 51 8.61 -1.34 -14.01
N THR A 52 8.13 -1.39 -12.77
CA THR A 52 8.92 -0.90 -11.64
C THR A 52 10.23 -1.64 -11.47
N ASN A 53 10.26 -2.89 -11.91
CA ASN A 53 11.46 -3.71 -11.82
C ASN A 53 11.66 -4.39 -13.17
N PRO A 54 12.47 -3.79 -14.06
CA PRO A 54 12.75 -4.32 -15.39
C PRO A 54 13.27 -5.76 -15.42
N GLU A 55 13.58 -6.31 -14.25
CA GLU A 55 14.06 -7.68 -14.18
C GLU A 55 12.92 -8.63 -13.84
N GLU A 56 11.74 -8.08 -13.60
CA GLU A 56 10.57 -8.87 -13.29
C GLU A 56 9.50 -8.58 -14.34
N GLY A 57 9.89 -8.69 -15.61
CA GLY A 57 8.97 -8.45 -16.70
C GLY A 57 8.46 -9.72 -17.33
N ASP A 58 8.77 -10.85 -16.72
CA ASP A 58 8.33 -12.16 -17.23
C ASP A 58 7.20 -12.70 -16.36
N LEU A 59 6.01 -12.78 -16.93
CA LEU A 59 4.84 -13.28 -16.20
C LEU A 59 4.68 -14.79 -16.34
N ASN A 60 5.32 -15.37 -17.34
CA ASN A 60 5.23 -16.81 -17.58
C ASN A 60 5.65 -17.61 -16.35
N PRO A 61 4.87 -18.65 -16.01
CA PRO A 61 5.17 -19.49 -14.86
C PRO A 61 6.43 -20.34 -15.03
N PRO A 62 7.38 -20.23 -14.09
CA PRO A 62 8.63 -21.00 -14.17
C PRO A 62 8.29 -22.49 -14.12
N PRO A 63 9.30 -23.37 -14.22
CA PRO A 63 9.01 -24.80 -14.19
C PRO A 63 8.27 -25.22 -12.91
N GLU A 64 7.34 -26.15 -13.07
CA GLU A 64 6.56 -26.65 -11.94
C GLU A 64 7.46 -27.12 -10.81
N ALA A 65 8.68 -27.51 -11.15
CA ALA A 65 9.65 -27.99 -10.16
C ALA A 65 10.12 -26.88 -9.22
N LYS A 66 10.19 -25.63 -9.72
CA LYS A 66 10.67 -24.53 -8.91
C LYS A 66 9.63 -23.42 -8.81
N GLN A 67 8.98 -23.35 -7.67
CA GLN A 67 7.97 -22.34 -7.34
C GLN A 67 7.48 -22.49 -5.90
N VAL A 68 7.86 -21.59 -5.03
CA VAL A 68 7.61 -21.65 -3.59
C VAL A 68 6.12 -21.82 -3.30
N PRO A 69 5.87 -22.11 -1.99
CA PRO A 69 4.58 -22.41 -1.36
C PRO A 69 3.50 -21.37 -1.71
N VAL A 70 3.45 -20.28 -0.95
CA VAL A 70 2.44 -19.25 -1.14
C VAL A 70 2.76 -18.40 -2.36
N SER A 71 2.24 -18.81 -3.51
CA SER A 71 2.45 -18.11 -4.77
C SER A 71 1.42 -18.65 -5.75
N TYR A 72 1.05 -17.82 -6.72
CA TYR A 72 0.08 -18.22 -7.73
C TYR A 72 0.42 -17.53 -9.03
N TYR A 73 0.55 -18.32 -10.10
CA TYR A 73 0.90 -17.78 -11.39
C TYR A 73 -0.19 -17.98 -12.44
N ASP A 74 -0.33 -16.97 -13.30
CA ASP A 74 -1.27 -16.99 -14.42
C ASP A 74 -0.86 -15.84 -15.31
N SER A 75 -0.02 -16.14 -16.30
CA SER A 75 0.48 -15.14 -17.23
C SER A 75 -0.60 -14.36 -17.97
N THR A 76 -1.81 -14.92 -18.05
CA THR A 76 -2.89 -14.28 -18.78
C THR A 76 -3.77 -13.33 -17.96
N TYR A 77 -3.66 -13.37 -16.64
CA TYR A 77 -4.48 -12.50 -15.81
C TYR A 77 -4.20 -11.03 -16.09
N LEU A 78 -5.28 -10.26 -16.24
CA LEU A 78 -5.21 -8.82 -16.48
C LEU A 78 -4.58 -8.46 -17.82
N SER A 79 -4.92 -9.24 -18.85
CA SER A 79 -4.41 -8.98 -20.19
C SER A 79 -5.48 -8.48 -21.16
N THR A 80 -6.74 -8.58 -20.75
CA THR A 80 -7.85 -8.16 -21.61
C THR A 80 -8.52 -6.89 -21.09
N ASP A 81 -9.17 -6.16 -21.99
CA ASP A 81 -9.83 -4.92 -21.60
C ASP A 81 -10.93 -5.12 -20.56
N ASN A 82 -11.65 -6.24 -20.64
CA ASN A 82 -12.72 -6.51 -19.69
C ASN A 82 -12.11 -6.70 -18.30
N GLU A 83 -11.00 -7.42 -18.23
CA GLU A 83 -10.34 -7.62 -16.95
C GLU A 83 -9.84 -6.31 -16.36
N LYS A 84 -9.31 -5.44 -17.22
CA LYS A 84 -8.79 -4.16 -16.78
C LYS A 84 -9.91 -3.25 -16.28
N ASP A 85 -11.07 -3.35 -16.94
CA ASP A 85 -12.24 -2.58 -16.56
C ASP A 85 -12.70 -3.05 -15.18
N ASN A 86 -12.73 -4.36 -14.99
CA ASN A 86 -13.15 -4.93 -13.71
C ASN A 86 -12.13 -4.61 -12.62
N TYR A 87 -10.86 -4.59 -12.99
CA TYR A 87 -9.78 -4.27 -12.04
C TYR A 87 -9.95 -2.85 -11.54
N LEU A 88 -10.18 -1.93 -12.48
CA LEU A 88 -10.35 -0.52 -12.14
C LEU A 88 -11.53 -0.32 -11.18
N LYS A 89 -12.66 -0.94 -11.52
CA LYS A 89 -13.87 -0.83 -10.72
C LYS A 89 -13.69 -1.46 -9.34
N GLY A 90 -12.95 -2.57 -9.29
CA GLY A 90 -12.70 -3.24 -8.02
C GLY A 90 -11.83 -2.42 -7.09
N VAL A 91 -10.74 -1.87 -7.63
CA VAL A 91 -9.83 -1.04 -6.84
C VAL A 91 -10.58 0.21 -6.34
N THR A 92 -11.38 0.81 -7.23
CA THR A 92 -12.15 1.99 -6.86
C THR A 92 -13.11 1.68 -5.71
N LYS A 93 -13.80 0.56 -5.80
CA LYS A 93 -14.77 0.15 -4.80
C LYS A 93 -14.07 -0.05 -3.45
N LEU A 94 -12.87 -0.63 -3.47
CA LEU A 94 -12.15 -0.83 -2.22
C LEU A 94 -11.73 0.51 -1.61
N PHE A 95 -11.36 1.48 -2.44
CA PHE A 95 -10.98 2.79 -1.90
C PHE A 95 -12.20 3.41 -1.24
N GLU A 96 -13.37 3.22 -1.84
CA GLU A 96 -14.59 3.78 -1.27
C GLU A 96 -14.93 3.10 0.05
N ARG A 97 -14.72 1.79 0.13
CA ARG A 97 -15.02 1.04 1.34
C ARG A 97 -14.10 1.55 2.46
N ILE A 98 -12.84 1.74 2.12
CA ILE A 98 -11.86 2.23 3.09
C ILE A 98 -12.21 3.66 3.51
N TYR A 99 -12.50 4.52 2.54
CA TYR A 99 -12.82 5.91 2.83
C TYR A 99 -14.11 6.09 3.62
N SER A 100 -15.02 5.12 3.52
CA SER A 100 -16.29 5.18 4.24
C SER A 100 -16.16 5.02 5.75
N THR A 101 -14.98 4.64 6.21
CA THR A 101 -14.73 4.48 7.65
C THR A 101 -13.94 5.68 8.14
N ASP A 102 -14.10 6.06 9.40
CA ASP A 102 -13.36 7.21 9.89
C ASP A 102 -11.86 6.95 9.80
N LEU A 103 -11.45 5.72 10.14
CA LEU A 103 -10.04 5.38 10.10
C LEU A 103 -9.49 5.45 8.69
N GLY A 104 -10.26 4.96 7.72
CA GLY A 104 -9.82 4.99 6.33
C GLY A 104 -9.74 6.42 5.81
N ARG A 105 -10.68 7.25 6.22
CA ARG A 105 -10.69 8.64 5.80
C ARG A 105 -9.44 9.32 6.36
N MET A 106 -9.09 8.98 7.61
CA MET A 106 -7.91 9.54 8.24
C MET A 106 -6.64 9.10 7.51
N LEU A 107 -6.53 7.81 7.23
CA LEU A 107 -5.36 7.29 6.53
C LEU A 107 -5.19 7.87 5.12
N LEU A 108 -6.27 7.89 4.34
CA LEU A 108 -6.19 8.42 2.99
C LEU A 108 -5.87 9.92 3.00
N THR A 109 -6.35 10.64 4.01
CA THR A 109 -6.04 12.06 4.10
C THR A 109 -4.54 12.22 4.38
N SER A 110 -4.00 11.41 5.28
CA SER A 110 -2.58 11.46 5.60
C SER A 110 -1.76 11.13 4.35
N ILE A 111 -2.23 10.16 3.58
CA ILE A 111 -1.53 9.77 2.36
C ILE A 111 -1.51 10.91 1.32
N VAL A 112 -2.64 11.57 1.13
CA VAL A 112 -2.71 12.66 0.15
C VAL A 112 -1.83 13.84 0.58
N ARG A 113 -1.78 14.10 1.89
CA ARG A 113 -0.95 15.19 2.40
C ARG A 113 0.53 14.83 2.43
N GLY A 114 0.83 13.53 2.35
CA GLY A 114 2.21 13.07 2.42
C GLY A 114 3.04 13.19 1.16
N ILE A 115 3.02 14.36 0.53
CA ILE A 115 3.77 14.60 -0.68
C ILE A 115 5.27 14.34 -0.45
N PRO A 116 5.90 13.55 -1.34
CA PRO A 116 7.33 13.28 -1.16
C PRO A 116 8.10 14.59 -1.11
N PHE A 117 9.05 14.68 -0.18
CA PHE A 117 9.85 15.89 -0.01
C PHE A 117 10.68 16.30 -1.23
N TRP A 118 10.75 17.61 -1.45
CA TRP A 118 11.53 18.17 -2.55
C TRP A 118 13.00 18.27 -2.13
N GLY A 119 13.70 17.14 -2.13
CA GLY A 119 15.10 17.15 -1.74
C GLY A 119 16.03 16.67 -2.83
N GLY A 120 15.67 16.94 -4.08
CA GLY A 120 16.50 16.51 -5.19
C GLY A 120 17.50 17.53 -5.68
N SER A 121 17.72 18.57 -4.89
CA SER A 121 18.67 19.62 -5.27
C SER A 121 20.03 19.39 -4.63
N THR A 122 21.08 19.80 -5.34
CA THR A 122 22.45 19.65 -4.84
C THR A 122 22.87 20.88 -4.04
N ILE A 123 22.24 22.02 -4.33
CA ILE A 123 22.55 23.26 -3.64
C ILE A 123 21.51 23.44 -2.53
N ASP A 124 21.97 23.46 -1.28
CA ASP A 124 21.08 23.60 -0.12
C ASP A 124 20.27 24.89 -0.05
N THR A 125 20.43 25.76 -1.05
CA THR A 125 19.69 27.02 -1.04
C THR A 125 18.48 26.98 -1.97
N GLU A 126 18.29 25.86 -2.64
CA GLU A 126 17.16 25.71 -3.57
C GLU A 126 16.37 24.44 -3.31
N LEU A 127 15.05 24.54 -3.44
CA LEU A 127 14.16 23.40 -3.25
C LEU A 127 13.83 22.82 -4.62
N LYS A 128 14.13 21.55 -4.82
CA LYS A 128 13.83 20.92 -6.10
C LYS A 128 13.20 19.55 -5.92
N VAL A 129 12.24 19.24 -6.77
CA VAL A 129 11.54 17.97 -6.72
C VAL A 129 12.47 16.85 -7.20
N ILE A 130 12.20 15.62 -6.74
CA ILE A 130 12.96 14.46 -7.15
C ILE A 130 12.11 13.83 -8.26
N ASP A 131 12.63 13.79 -9.48
CA ASP A 131 11.86 13.28 -10.61
C ASP A 131 11.27 11.87 -10.52
N THR A 132 11.83 11.01 -9.67
CA THR A 132 11.28 9.66 -9.56
C THR A 132 10.02 9.64 -8.71
N ASN A 133 9.60 10.81 -8.23
CA ASN A 133 8.38 10.92 -7.45
C ASN A 133 7.33 11.53 -8.37
N CYS A 134 7.56 11.38 -9.68
CA CYS A 134 6.65 11.90 -10.69
C CYS A 134 6.41 10.86 -11.77
N ILE A 135 5.41 11.13 -12.60
CA ILE A 135 5.11 10.27 -13.75
C ILE A 135 5.03 11.21 -14.94
N ASN A 136 5.25 10.68 -16.14
CA ASN A 136 5.18 11.50 -17.35
C ASN A 136 3.86 11.23 -18.05
N VAL A 137 3.03 12.25 -18.12
CA VAL A 137 1.71 12.14 -18.71
C VAL A 137 1.67 12.69 -20.12
N ILE A 138 1.15 11.90 -21.06
CA ILE A 138 1.03 12.37 -22.43
C ILE A 138 -0.15 13.33 -22.49
N GLN A 139 0.14 14.56 -22.92
CA GLN A 139 -0.88 15.60 -23.04
C GLN A 139 -1.63 15.43 -24.37
N PRO A 140 -2.75 16.17 -24.55
CA PRO A 140 -3.52 16.07 -25.79
C PRO A 140 -2.72 16.35 -27.06
N ASP A 141 -1.69 17.19 -26.94
CA ASP A 141 -0.87 17.53 -28.11
C ASP A 141 0.24 16.51 -28.35
N GLY A 142 0.24 15.44 -27.57
CA GLY A 142 1.24 14.39 -27.73
C GLY A 142 2.51 14.58 -26.95
N SER A 143 2.67 15.73 -26.31
CA SER A 143 3.88 15.99 -25.53
C SER A 143 3.72 15.49 -24.10
N TYR A 144 4.86 15.25 -23.45
CA TYR A 144 4.86 14.76 -22.08
C TYR A 144 4.98 15.89 -21.05
N ARG A 145 4.26 15.75 -19.94
CA ARG A 145 4.34 16.72 -18.86
C ARG A 145 4.58 15.93 -17.59
N SER A 146 5.41 16.47 -16.70
CA SER A 146 5.74 15.80 -15.45
C SER A 146 4.73 16.13 -14.36
N GLU A 147 4.18 15.10 -13.73
CA GLU A 147 3.21 15.29 -12.66
C GLU A 147 3.66 14.54 -11.41
N GLU A 148 3.65 15.26 -10.29
CA GLU A 148 4.02 14.65 -9.02
C GLU A 148 2.81 13.85 -8.54
N LEU A 149 3.08 12.74 -7.87
CA LEU A 149 2.01 11.91 -7.35
C LEU A 149 2.52 11.20 -6.10
N ASN A 150 1.59 10.72 -5.27
CA ASN A 150 1.98 10.05 -4.04
C ASN A 150 1.80 8.55 -4.10
N LEU A 151 0.77 8.12 -4.82
CA LEU A 151 0.44 6.71 -4.87
C LEU A 151 -0.05 6.18 -6.20
N VAL A 152 0.37 4.96 -6.53
CA VAL A 152 -0.03 4.29 -7.74
C VAL A 152 -0.43 2.89 -7.36
N ILE A 153 -1.60 2.45 -7.79
CA ILE A 153 -2.03 1.08 -7.55
C ILE A 153 -1.83 0.43 -8.90
N ILE A 154 -1.08 -0.66 -8.94
CA ILE A 154 -0.78 -1.36 -10.18
C ILE A 154 -0.98 -2.86 -9.97
N GLY A 155 -1.21 -3.59 -11.06
CA GLY A 155 -1.41 -5.02 -10.94
C GLY A 155 -0.16 -5.74 -10.50
N PRO A 156 -0.28 -6.99 -10.02
CA PRO A 156 0.89 -7.75 -9.58
C PRO A 156 1.83 -8.13 -10.71
N SER A 157 3.05 -8.52 -10.34
CA SER A 157 4.04 -8.96 -11.32
C SER A 157 3.77 -10.45 -11.56
N ALA A 158 4.81 -11.25 -11.81
CA ALA A 158 4.63 -12.68 -12.07
C ALA A 158 3.81 -13.42 -11.01
N ASP A 159 4.21 -13.32 -9.75
CA ASP A 159 3.47 -13.98 -8.68
C ASP A 159 2.28 -13.07 -8.37
N ILE A 160 1.11 -13.50 -8.81
CA ILE A 160 -0.11 -12.74 -8.64
C ILE A 160 -0.47 -12.34 -7.22
N ILE A 161 -0.15 -13.20 -6.25
CA ILE A 161 -0.50 -12.85 -4.87
C ILE A 161 0.60 -12.22 -4.04
N GLN A 162 1.67 -11.77 -4.69
CA GLN A 162 2.75 -11.10 -3.98
C GLN A 162 2.46 -9.61 -3.99
N PHE A 163 1.57 -9.18 -3.10
CA PHE A 163 1.20 -7.78 -2.99
C PHE A 163 2.28 -7.09 -2.16
N GLU A 164 2.62 -5.87 -2.51
CA GLU A 164 3.65 -5.15 -1.77
C GLU A 164 3.80 -3.74 -2.26
N CYS A 165 4.49 -2.94 -1.47
CA CYS A 165 4.76 -1.55 -1.82
C CYS A 165 6.15 -1.49 -2.45
N LYS A 166 6.25 -0.80 -3.56
CA LYS A 166 7.52 -0.63 -4.25
C LYS A 166 7.69 0.84 -4.53
N SER A 167 8.93 1.31 -4.48
CA SER A 167 9.20 2.71 -4.77
C SER A 167 10.61 2.85 -5.29
N PHE A 168 10.83 3.89 -6.08
CA PHE A 168 12.14 4.11 -6.66
C PHE A 168 13.05 4.75 -5.64
N GLY A 169 14.25 4.18 -5.52
CA GLY A 169 15.21 4.69 -4.57
C GLY A 169 16.00 5.87 -5.09
N HIS A 170 17.00 6.28 -4.32
CA HIS A 170 17.84 7.39 -4.68
C HIS A 170 19.29 6.93 -4.58
N GLU A 171 20.15 7.53 -5.39
CA GLU A 171 21.56 7.15 -5.41
C GLU A 171 22.21 7.16 -4.03
N VAL A 172 21.76 8.06 -3.17
CA VAL A 172 22.33 8.16 -1.82
C VAL A 172 21.30 8.16 -0.71
N LEU A 173 20.21 8.90 -0.91
CA LEU A 173 19.15 9.03 0.07
C LEU A 173 18.24 7.80 0.16
N ASN A 174 17.90 7.41 1.39
CA ASN A 174 16.99 6.28 1.62
C ASN A 174 15.67 6.99 1.88
N LEU A 175 14.98 7.32 0.80
CA LEU A 175 13.73 8.06 0.87
C LEU A 175 12.62 7.54 1.77
N THR A 176 12.53 6.23 1.95
CA THR A 176 11.47 5.69 2.79
C THR A 176 11.89 5.61 4.25
N ARG A 177 13.13 5.97 4.54
CA ARG A 177 13.62 5.91 5.92
C ARG A 177 14.36 7.16 6.40
N ASN A 178 14.28 8.25 5.66
CA ASN A 178 14.96 9.49 6.06
C ASN A 178 13.97 10.65 6.18
N GLY A 179 12.69 10.33 6.34
CA GLY A 179 11.67 11.34 6.49
C GLY A 179 11.18 12.00 5.20
N TYR A 180 11.93 11.83 4.12
CA TYR A 180 11.57 12.43 2.83
C TYR A 180 10.31 11.86 2.21
N GLY A 181 10.28 10.55 2.06
CA GLY A 181 9.14 9.91 1.45
C GLY A 181 9.36 9.79 -0.05
N SER A 182 8.60 8.92 -0.70
CA SER A 182 8.73 8.71 -2.14
C SER A 182 7.43 8.14 -2.66
N THR A 183 7.18 8.33 -3.95
CA THR A 183 5.96 7.82 -4.58
C THR A 183 5.89 6.31 -4.40
N GLN A 184 4.75 5.84 -3.91
CA GLN A 184 4.55 4.43 -3.66
C GLN A 184 3.72 3.73 -4.72
N TYR A 185 4.22 2.59 -5.18
CA TYR A 185 3.55 1.77 -6.17
C TYR A 185 3.14 0.51 -5.44
N ILE A 186 1.83 0.30 -5.32
CA ILE A 186 1.35 -0.89 -4.64
C ILE A 186 0.91 -1.96 -5.63
N ARG A 187 1.60 -3.10 -5.63
CA ARG A 187 1.22 -4.21 -6.48
C ARG A 187 0.04 -4.81 -5.72
N PHE A 188 -1.12 -4.88 -6.38
CA PHE A 188 -2.31 -5.37 -5.71
C PHE A 188 -3.36 -5.83 -6.72
N SER A 189 -4.21 -6.76 -6.31
CA SER A 189 -5.30 -7.21 -7.16
C SER A 189 -6.54 -7.41 -6.32
N PRO A 190 -7.68 -6.90 -6.79
CA PRO A 190 -8.96 -7.03 -6.08
C PRO A 190 -9.69 -8.28 -6.57
N ASP A 191 -9.05 -9.02 -7.47
CA ASP A 191 -9.67 -10.20 -8.07
C ASP A 191 -9.37 -11.55 -7.43
N PHE A 192 -8.60 -11.52 -6.34
CA PHE A 192 -8.20 -12.71 -5.60
C PHE A 192 -8.15 -12.35 -4.14
N THR A 193 -8.27 -13.38 -3.29
CA THR A 193 -8.13 -13.14 -1.87
C THR A 193 -7.63 -14.41 -1.19
N PHE A 194 -7.29 -14.31 0.07
CA PHE A 194 -6.72 -15.42 0.82
C PHE A 194 -7.67 -16.09 1.79
N GLY A 195 -7.49 -17.40 2.00
CA GLY A 195 -8.34 -18.11 2.92
C GLY A 195 -7.61 -18.37 4.22
N PHE A 196 -8.29 -18.15 5.34
CA PHE A 196 -7.69 -18.36 6.65
C PHE A 196 -8.65 -19.16 7.52
N GLU A 197 -8.19 -19.53 8.71
CA GLU A 197 -9.00 -20.33 9.61
C GLU A 197 -9.47 -19.60 10.86
N GLU A 198 -10.70 -19.91 11.27
CA GLU A 198 -11.34 -19.30 12.43
C GLU A 198 -10.72 -19.65 13.79
N SER A 199 -10.11 -20.83 13.89
CA SER A 199 -9.46 -21.23 15.14
C SER A 199 -8.00 -20.83 15.11
N LEU A 200 -7.54 -20.11 16.13
CA LEU A 200 -6.15 -19.66 16.18
C LEU A 200 -5.14 -20.79 16.10
N GLU A 201 -5.39 -21.88 16.83
CA GLU A 201 -4.47 -23.02 16.82
C GLU A 201 -4.35 -23.65 15.44
N VAL A 202 -5.42 -23.54 14.64
CA VAL A 202 -5.41 -24.08 13.29
C VAL A 202 -4.77 -23.09 12.32
N ASP A 203 -5.13 -21.82 12.44
CA ASP A 203 -4.61 -20.80 11.54
C ASP A 203 -3.09 -20.64 11.61
N THR A 204 -2.53 -20.83 12.80
CA THR A 204 -1.09 -20.68 12.99
C THR A 204 -0.32 -21.99 12.81
N ASN A 205 -0.99 -23.03 12.31
CA ASN A 205 -0.38 -24.33 12.07
C ASN A 205 -0.32 -24.57 10.56
N PRO A 206 0.88 -24.86 10.04
CA PRO A 206 1.09 -25.09 8.61
C PRO A 206 0.54 -26.39 8.04
N LEU A 207 0.08 -27.28 8.91
CA LEU A 207 -0.44 -28.56 8.45
C LEU A 207 -1.96 -28.68 8.50
N LEU A 208 -2.63 -27.68 9.07
CA LEU A 208 -4.09 -27.74 9.23
C LEU A 208 -4.91 -26.64 8.57
N GLY A 209 -6.14 -26.99 8.20
CA GLY A 209 -7.05 -26.01 7.62
C GLY A 209 -7.04 -25.90 6.11
N ALA A 210 -8.21 -25.71 5.52
CA ALA A 210 -8.33 -25.57 4.07
C ALA A 210 -8.61 -24.13 3.66
N GLY A 211 -8.87 -23.29 4.66
CA GLY A 211 -9.17 -21.89 4.40
C GLY A 211 -10.65 -21.62 4.30
N LYS A 212 -11.36 -21.90 5.39
CA LYS A 212 -12.81 -21.72 5.42
C LYS A 212 -13.28 -20.29 5.22
N PHE A 213 -12.57 -19.34 5.82
CA PHE A 213 -12.96 -17.95 5.71
C PHE A 213 -12.06 -17.17 4.74
N ALA A 214 -12.67 -16.21 4.05
CA ALA A 214 -11.96 -15.39 3.07
C ALA A 214 -11.63 -14.02 3.63
N THR A 215 -10.40 -13.58 3.39
CA THR A 215 -9.97 -12.27 3.84
C THR A 215 -10.70 -11.20 3.02
N ASP A 216 -11.19 -10.17 3.68
CA ASP A 216 -11.86 -9.08 2.95
C ASP A 216 -10.75 -8.30 2.26
N PRO A 217 -10.80 -8.17 0.92
CA PRO A 217 -9.79 -7.45 0.15
C PRO A 217 -9.52 -6.02 0.62
N ALA A 218 -10.52 -5.41 1.26
CA ALA A 218 -10.34 -4.04 1.76
C ALA A 218 -9.28 -4.00 2.85
N VAL A 219 -9.19 -5.06 3.64
CA VAL A 219 -8.19 -5.12 4.70
C VAL A 219 -6.81 -5.29 4.07
N THR A 220 -6.73 -6.15 3.06
CA THR A 220 -5.48 -6.39 2.36
C THR A 220 -4.96 -5.10 1.72
N LEU A 221 -5.85 -4.34 1.09
CA LEU A 221 -5.42 -3.09 0.49
C LEU A 221 -5.03 -2.08 1.58
N ALA A 222 -5.81 -2.03 2.64
CA ALA A 222 -5.54 -1.12 3.75
C ALA A 222 -4.16 -1.42 4.34
N HIS A 223 -3.83 -2.71 4.43
CA HIS A 223 -2.52 -3.12 4.95
C HIS A 223 -1.43 -2.47 4.09
N GLU A 224 -1.58 -2.56 2.78
CA GLU A 224 -0.59 -1.96 1.90
C GLU A 224 -0.58 -0.44 1.99
N LEU A 225 -1.77 0.17 2.16
CA LEU A 225 -1.85 1.63 2.30
C LEU A 225 -1.15 2.10 3.57
N ILE A 226 -1.14 1.25 4.59
CA ILE A 226 -0.49 1.59 5.86
C ILE A 226 1.02 1.62 5.63
N HIS A 227 1.52 0.64 4.89
CA HIS A 227 2.94 0.61 4.57
C HIS A 227 3.24 1.87 3.77
N ALA A 228 2.37 2.17 2.80
CA ALA A 228 2.55 3.35 1.94
C ALA A 228 2.64 4.62 2.79
N GLY A 229 1.81 4.67 3.83
CA GLY A 229 1.83 5.83 4.72
C GLY A 229 3.17 5.96 5.42
N HIS A 230 3.70 4.85 5.90
CA HIS A 230 5.00 4.90 6.56
C HIS A 230 6.06 5.38 5.59
N ARG A 231 6.02 4.84 4.38
CA ARG A 231 7.02 5.17 3.37
C ARG A 231 6.91 6.59 2.82
N LEU A 232 5.68 7.10 2.74
CA LEU A 232 5.47 8.46 2.22
C LEU A 232 5.96 9.50 3.22
N TYR A 233 5.99 9.14 4.49
CA TYR A 233 6.47 10.05 5.52
C TYR A 233 7.91 9.68 5.91
N GLY A 234 8.48 8.75 5.14
CA GLY A 234 9.84 8.31 5.34
C GLY A 234 10.19 7.75 6.70
N ILE A 235 9.24 7.05 7.31
CA ILE A 235 9.47 6.45 8.63
C ILE A 235 9.33 4.93 8.64
N ALA A 236 9.53 4.29 7.49
CA ALA A 236 9.46 2.84 7.43
C ALA A 236 10.65 2.26 8.19
N ILE A 237 10.45 1.12 8.83
CA ILE A 237 11.54 0.49 9.59
C ILE A 237 12.36 -0.36 8.63
N ASN A 238 13.67 -0.22 8.71
CA ASN A 238 14.58 -0.97 7.84
C ASN A 238 14.21 -2.45 7.89
N PRO A 239 14.02 -3.07 6.72
CA PRO A 239 13.66 -4.50 6.66
C PRO A 239 14.65 -5.45 7.35
N ASN A 240 15.85 -4.97 7.65
CA ASN A 240 16.83 -5.83 8.32
C ASN A 240 16.52 -5.95 9.82
N ARG A 241 15.64 -5.08 10.31
CA ARG A 241 15.25 -5.10 11.70
C ARG A 241 14.11 -6.11 11.80
N VAL A 242 14.43 -7.31 12.28
CA VAL A 242 13.43 -8.36 12.36
C VAL A 242 13.26 -8.99 13.74
N PHE A 243 12.15 -9.71 13.89
CA PHE A 243 11.82 -10.41 15.12
C PHE A 243 12.06 -11.88 14.88
N LYS A 244 12.99 -12.47 15.63
CA LYS A 244 13.27 -13.89 15.50
C LYS A 244 12.13 -14.60 16.21
N VAL A 245 11.08 -14.92 15.45
CA VAL A 245 9.90 -15.57 15.97
C VAL A 245 10.18 -16.74 16.92
N ASN A 246 9.77 -16.57 18.18
CA ASN A 246 9.95 -17.60 19.19
C ASN A 246 8.63 -17.89 19.89
N THR A 247 7.53 -17.61 19.19
CA THR A 247 6.20 -17.83 19.72
C THR A 247 5.41 -18.81 18.87
N ASN A 248 6.09 -19.41 17.90
CA ASN A 248 5.47 -20.38 17.00
C ASN A 248 6.51 -21.42 16.63
N ALA A 249 6.37 -22.62 17.20
CA ALA A 249 7.30 -23.71 16.96
C ALA A 249 7.59 -23.98 15.50
N TYR A 250 6.61 -23.77 14.63
CA TYR A 250 6.81 -24.02 13.20
C TYR A 250 7.68 -22.94 12.57
N TYR A 251 7.53 -21.70 13.04
CA TYR A 251 8.36 -20.62 12.52
C TYR A 251 9.77 -20.85 13.05
N GLU A 252 9.85 -21.18 14.33
CA GLU A 252 11.12 -21.42 15.02
C GLU A 252 11.94 -22.55 14.39
N MET A 253 11.32 -23.71 14.17
CA MET A 253 12.02 -24.84 13.59
C MET A 253 12.61 -24.52 12.22
N SER A 254 12.13 -23.44 11.61
CA SER A 254 12.62 -23.04 10.30
C SER A 254 13.41 -21.74 10.42
N GLY A 255 13.53 -21.24 11.65
CA GLY A 255 14.27 -20.01 11.89
C GLY A 255 13.73 -18.81 11.13
N LEU A 256 12.44 -18.81 10.85
CA LEU A 256 11.83 -17.70 10.12
C LEU A 256 11.83 -16.42 10.94
N GLU A 257 12.08 -15.30 10.26
CA GLU A 257 12.12 -14.01 10.91
C GLU A 257 11.11 -13.08 10.23
N VAL A 258 10.49 -12.21 11.01
CA VAL A 258 9.50 -11.27 10.49
C VAL A 258 9.95 -9.85 10.81
N SER A 259 9.96 -8.99 9.79
CA SER A 259 10.39 -7.61 9.99
C SER A 259 9.50 -6.83 10.95
N PHE A 260 10.10 -5.90 11.69
CA PHE A 260 9.34 -5.07 12.61
C PHE A 260 8.30 -4.24 11.84
N GLU A 261 8.66 -3.85 10.63
CA GLU A 261 7.76 -3.05 9.79
C GLU A 261 6.43 -3.79 9.57
N GLU A 262 6.51 -5.10 9.41
CA GLU A 262 5.29 -5.90 9.22
C GLU A 262 4.51 -6.04 10.53
N LEU A 263 5.23 -6.27 11.64
CA LEU A 263 4.55 -6.40 12.92
C LEU A 263 3.86 -5.09 13.30
N ARG A 264 4.52 -3.97 13.03
CA ARG A 264 3.97 -2.65 13.32
C ARG A 264 2.71 -2.43 12.51
N THR A 265 2.80 -2.78 11.23
CA THR A 265 1.68 -2.60 10.31
C THR A 265 0.47 -3.43 10.70
N PHE A 266 0.68 -4.65 11.18
CA PHE A 266 -0.46 -5.46 11.59
C PHE A 266 -1.07 -4.86 12.85
N GLY A 267 -0.21 -4.46 13.78
CA GLY A 267 -0.68 -3.88 15.02
C GLY A 267 -1.08 -4.91 16.06
N GLY A 268 -2.06 -4.56 16.88
CA GLY A 268 -2.52 -5.47 17.91
C GLY A 268 -1.39 -6.00 18.79
N HIS A 269 -1.45 -7.28 19.13
CA HIS A 269 -0.43 -7.87 19.97
C HIS A 269 0.88 -8.07 19.21
N ASP A 270 0.80 -8.17 17.90
CA ASP A 270 1.99 -8.34 17.08
C ASP A 270 2.99 -7.21 17.30
N ALA A 271 2.45 -5.99 17.42
CA ALA A 271 3.27 -4.80 17.61
C ALA A 271 4.08 -4.85 18.90
N LYS A 272 3.59 -5.62 19.87
CA LYS A 272 4.27 -5.73 21.15
C LYS A 272 5.56 -6.54 21.09
N PHE A 273 5.80 -7.22 19.98
CA PHE A 273 7.02 -8.00 19.84
C PHE A 273 8.23 -7.08 19.62
N ILE A 274 7.95 -5.81 19.41
CA ILE A 274 8.99 -4.81 19.23
C ILE A 274 9.20 -4.16 20.61
N ASP A 275 10.32 -4.47 21.25
CA ASP A 275 10.62 -3.94 22.58
C ASP A 275 10.70 -2.42 22.67
N SER A 276 10.43 -1.90 23.87
CA SER A 276 10.46 -0.46 24.14
C SER A 276 11.79 0.20 23.76
N LEU A 277 12.89 -0.46 24.09
CA LEU A 277 14.21 0.08 23.79
C LEU A 277 14.38 0.41 22.31
N GLN A 278 13.99 -0.51 21.45
CA GLN A 278 14.12 -0.29 20.01
C GLN A 278 13.06 0.68 19.46
N GLU A 279 11.87 0.66 20.06
CA GLU A 279 10.82 1.57 19.62
C GLU A 279 11.30 2.99 19.86
N ASN A 280 11.95 3.21 21.01
CA ASN A 280 12.45 4.54 21.34
C ASN A 280 13.57 4.93 20.37
N GLU A 281 14.40 3.96 20.02
CA GLU A 281 15.50 4.19 19.10
C GLU A 281 14.96 4.71 17.78
N PHE A 282 13.99 4.00 17.21
CA PHE A 282 13.40 4.39 15.94
C PHE A 282 12.74 5.76 16.05
N ARG A 283 11.97 5.97 17.11
CA ARG A 283 11.28 7.24 17.29
C ARG A 283 12.24 8.42 17.31
N LEU A 284 13.34 8.29 18.03
CA LEU A 284 14.32 9.38 18.09
C LEU A 284 14.98 9.57 16.73
N TYR A 285 15.26 8.46 16.06
CA TYR A 285 15.90 8.49 14.75
C TYR A 285 15.08 9.31 13.76
N TYR A 286 13.78 9.05 13.71
CA TYR A 286 12.92 9.77 12.78
C TYR A 286 12.64 11.20 13.22
N TYR A 287 12.69 11.45 14.53
CA TYR A 287 12.48 12.80 15.02
C TYR A 287 13.63 13.65 14.48
N ASN A 288 14.83 13.08 14.51
CA ASN A 288 16.01 13.79 14.01
C ASN A 288 15.92 13.99 12.51
N LYS A 289 15.40 13.01 11.80
CA LYS A 289 15.26 13.13 10.34
C LYS A 289 14.31 14.28 10.03
N PHE A 290 13.25 14.42 10.83
CA PHE A 290 12.29 15.49 10.63
C PHE A 290 12.98 16.83 10.92
N LYS A 291 13.91 16.81 11.88
CA LYS A 291 14.65 18.01 12.24
C LYS A 291 15.48 18.46 11.04
N ASP A 292 16.11 17.50 10.37
CA ASP A 292 16.92 17.80 9.20
C ASP A 292 16.07 18.41 8.09
N ILE A 293 14.85 17.90 7.93
CA ILE A 293 13.96 18.42 6.90
C ILE A 293 13.58 19.86 7.24
N ALA A 294 13.38 20.13 8.52
CA ALA A 294 13.03 21.47 8.97
C ALA A 294 14.17 22.42 8.68
N SER A 295 15.40 21.98 8.91
CA SER A 295 16.57 22.81 8.65
C SER A 295 16.82 23.02 7.17
N THR A 296 16.54 22.00 6.36
CA THR A 296 16.72 22.12 4.91
C THR A 296 15.76 23.19 4.40
N LEU A 297 14.56 23.22 4.97
CA LEU A 297 13.56 24.20 4.58
C LEU A 297 13.96 25.60 5.03
N ASN A 298 14.71 25.66 6.14
CA ASN A 298 15.17 26.94 6.66
C ASN A 298 16.20 27.56 5.72
N LYS A 299 17.06 26.72 5.14
CA LYS A 299 18.10 27.18 4.23
C LYS A 299 17.60 27.46 2.82
N ALA A 300 16.45 26.90 2.47
CA ALA A 300 15.87 27.10 1.13
C ALA A 300 15.59 28.58 0.86
N LYS A 301 16.34 29.15 -0.08
CA LYS A 301 16.17 30.55 -0.44
C LYS A 301 15.53 30.72 -1.83
N SER A 302 15.51 29.64 -2.61
CA SER A 302 14.92 29.68 -3.95
C SER A 302 14.30 28.34 -4.31
N ILE A 303 13.41 28.35 -5.30
CA ILE A 303 12.74 27.13 -5.73
C ILE A 303 12.99 26.89 -7.23
N VAL A 304 13.16 25.62 -7.59
CA VAL A 304 13.39 25.25 -8.98
C VAL A 304 12.07 24.90 -9.64
N GLY A 305 11.91 25.32 -10.90
CA GLY A 305 10.68 25.05 -11.62
C GLY A 305 9.67 26.16 -11.47
N THR A 306 8.44 25.91 -11.91
CA THR A 306 7.39 26.90 -11.83
C THR A 306 6.01 26.27 -11.61
N THR A 307 6.01 25.07 -11.01
CA THR A 307 4.77 24.36 -10.74
C THR A 307 4.13 24.85 -9.45
N ALA A 308 4.88 25.62 -8.67
CA ALA A 308 4.40 26.17 -7.41
C ALA A 308 5.41 27.18 -6.88
N SER A 309 4.94 28.07 -5.99
CA SER A 309 5.81 29.09 -5.41
C SER A 309 6.61 28.50 -4.24
N LEU A 310 7.72 29.16 -3.90
CA LEU A 310 8.56 28.71 -2.81
C LEU A 310 7.74 28.70 -1.51
N GLN A 311 6.97 29.76 -1.31
CA GLN A 311 6.13 29.87 -0.12
C GLN A 311 5.11 28.74 -0.07
N TYR A 312 4.56 28.38 -1.23
CA TYR A 312 3.57 27.31 -1.28
C TYR A 312 4.17 25.97 -0.86
N MET A 313 5.31 25.61 -1.44
CA MET A 313 5.93 24.34 -1.11
C MET A 313 6.43 24.28 0.33
N LYS A 314 6.96 25.39 0.85
CA LYS A 314 7.43 25.38 2.23
C LYS A 314 6.23 25.16 3.15
N ASN A 315 5.08 25.68 2.74
CA ASN A 315 3.86 25.52 3.53
C ASN A 315 3.33 24.10 3.37
N VAL A 316 3.50 23.53 2.18
CA VAL A 316 3.05 22.17 1.90
C VAL A 316 3.68 21.18 2.86
N PHE A 317 4.98 21.35 3.10
CA PHE A 317 5.69 20.46 3.98
C PHE A 317 5.54 20.84 5.45
N LYS A 318 5.13 22.08 5.70
CA LYS A 318 4.90 22.53 7.07
C LYS A 318 3.70 21.73 7.55
N GLU A 319 2.71 21.59 6.67
CA GLU A 319 1.49 20.87 6.98
C GLU A 319 1.72 19.36 7.00
N LYS A 320 2.56 18.86 6.11
CA LYS A 320 2.83 17.43 6.05
C LYS A 320 3.49 16.93 7.32
N TYR A 321 4.55 17.61 7.71
CA TYR A 321 5.32 17.25 8.89
C TYR A 321 4.85 17.95 10.17
N LEU A 322 3.83 18.79 10.03
CA LEU A 322 3.28 19.52 11.18
C LEU A 322 4.36 20.30 11.93
N LEU A 323 5.19 21.03 11.20
CA LEU A 323 6.27 21.80 11.79
C LEU A 323 5.75 23.08 12.44
N SER A 324 6.56 23.68 13.29
CA SER A 324 6.21 24.92 13.96
C SER A 324 7.01 26.06 13.33
N GLU A 325 6.53 27.29 13.50
CA GLU A 325 7.21 28.45 12.94
C GLU A 325 7.30 29.58 13.96
N ASP A 326 8.52 29.98 14.29
CA ASP A 326 8.74 31.05 15.26
C ASP A 326 8.60 32.44 14.64
N THR A 327 8.77 33.46 15.47
CA THR A 327 8.65 34.86 15.05
C THR A 327 9.46 35.17 13.79
N SER A 328 10.73 34.77 13.78
CA SER A 328 11.60 35.02 12.64
C SER A 328 11.03 34.42 11.35
N GLY A 329 10.66 33.14 11.41
CA GLY A 329 10.12 32.48 10.24
C GLY A 329 10.79 31.15 9.97
N LYS A 330 11.54 30.66 10.95
CA LYS A 330 12.23 29.39 10.82
C LYS A 330 11.34 28.25 11.30
N PHE A 331 11.48 27.10 10.65
CA PHE A 331 10.70 25.92 11.00
C PHE A 331 11.46 25.08 12.03
N SER A 332 10.70 24.42 12.89
CA SER A 332 11.28 23.56 13.92
C SER A 332 10.30 22.41 14.15
N VAL A 333 10.81 21.31 14.69
CA VAL A 333 9.97 20.16 14.95
C VAL A 333 9.58 20.16 16.42
N ASP A 334 8.28 20.15 16.69
CA ASP A 334 7.77 20.15 18.05
C ASP A 334 7.65 18.70 18.50
N LYS A 335 8.21 18.39 19.67
CA LYS A 335 8.18 17.04 20.20
C LYS A 335 6.77 16.45 20.29
N LEU A 336 5.83 17.20 20.86
CA LEU A 336 4.45 16.74 21.00
C LEU A 336 3.82 16.44 19.64
N LYS A 337 3.97 17.38 18.70
CA LYS A 337 3.39 17.22 17.37
C LYS A 337 4.03 16.06 16.62
N PHE A 338 5.34 15.88 16.77
CA PHE A 338 6.02 14.77 16.10
C PHE A 338 5.51 13.45 16.65
N ASP A 339 5.50 13.32 17.97
CA ASP A 339 5.03 12.10 18.59
C ASP A 339 3.59 11.77 18.19
N LYS A 340 2.76 12.80 18.08
CA LYS A 340 1.35 12.61 17.71
C LYS A 340 1.22 12.08 16.29
N LEU A 341 1.97 12.68 15.37
CA LEU A 341 1.94 12.26 13.97
C LEU A 341 2.56 10.88 13.80
N TYR A 342 3.73 10.67 14.42
CA TYR A 342 4.41 9.40 14.35
C TYR A 342 3.51 8.29 14.88
N LYS A 343 2.87 8.54 16.02
CA LYS A 343 1.96 7.57 16.63
C LYS A 343 0.75 7.29 15.74
N MET A 344 0.21 8.35 15.13
CA MET A 344 -0.93 8.21 14.24
C MET A 344 -0.58 7.26 13.10
N LEU A 345 0.54 7.52 12.43
CA LEU A 345 0.97 6.70 11.30
C LEU A 345 1.39 5.29 11.62
N THR A 346 1.84 5.06 12.85
CA THR A 346 2.33 3.73 13.22
C THR A 346 1.47 2.90 14.16
N GLU A 347 0.64 3.55 14.97
CA GLU A 347 -0.21 2.85 15.93
C GLU A 347 -1.72 2.96 15.67
N ILE A 348 -2.16 4.08 15.11
CA ILE A 348 -3.57 4.23 14.82
C ILE A 348 -3.91 3.54 13.51
N TYR A 349 -3.06 3.73 12.50
CA TYR A 349 -3.27 3.08 11.21
C TYR A 349 -2.64 1.69 11.23
N THR A 350 -3.43 0.67 11.59
CA THR A 350 -2.93 -0.70 11.61
C THR A 350 -4.00 -1.62 11.05
N GLU A 351 -3.57 -2.80 10.60
CA GLU A 351 -4.50 -3.78 10.05
C GLU A 351 -5.53 -4.14 11.10
N ASP A 352 -5.07 -4.40 12.32
CA ASP A 352 -5.98 -4.78 13.39
C ASP A 352 -7.09 -3.75 13.62
N ASN A 353 -6.74 -2.46 13.59
CA ASN A 353 -7.77 -1.45 13.77
C ASN A 353 -8.75 -1.39 12.60
N PHE A 354 -8.27 -1.61 11.38
CA PHE A 354 -9.18 -1.60 10.23
C PHE A 354 -10.18 -2.75 10.35
N VAL A 355 -9.74 -3.87 10.90
CA VAL A 355 -10.64 -5.01 11.07
C VAL A 355 -11.80 -4.57 11.98
N LYS A 356 -11.48 -3.81 13.02
CA LYS A 356 -12.51 -3.33 13.94
C LYS A 356 -13.52 -2.42 13.23
N PHE A 357 -13.02 -1.58 12.33
CA PHE A 357 -13.90 -0.68 11.61
C PHE A 357 -14.74 -1.37 10.54
N PHE A 358 -14.18 -2.38 9.89
CA PHE A 358 -14.93 -3.10 8.85
C PHE A 358 -15.86 -4.16 9.41
N LYS A 359 -15.66 -4.52 10.68
CA LYS A 359 -16.49 -5.54 11.32
C LYS A 359 -16.40 -6.84 10.52
N VAL A 360 -15.18 -7.27 10.24
CA VAL A 360 -14.98 -8.49 9.48
C VAL A 360 -14.14 -9.48 10.27
N LEU A 361 -14.14 -10.73 9.82
CA LEU A 361 -13.31 -11.75 10.46
C LEU A 361 -11.97 -11.61 9.72
N ASN A 362 -10.86 -11.83 10.40
CA ASN A 362 -9.56 -11.64 9.77
C ASN A 362 -8.54 -12.43 10.57
N ARG A 363 -7.37 -12.65 9.99
CA ARG A 363 -6.33 -13.36 10.72
C ARG A 363 -6.11 -12.56 12.01
N LYS A 364 -5.88 -13.26 13.11
CA LYS A 364 -5.69 -12.61 14.41
C LYS A 364 -4.25 -12.18 14.63
N THR A 365 -3.36 -12.64 13.76
CA THR A 365 -1.94 -12.33 13.84
C THR A 365 -1.30 -12.47 12.47
N TYR A 366 -0.16 -11.81 12.29
CA TYR A 366 0.58 -11.86 11.05
C TYR A 366 1.38 -13.17 11.03
N LEU A 367 1.62 -13.69 12.23
CA LEU A 367 2.39 -14.92 12.40
C LEU A 367 1.56 -16.19 12.26
N ASN A 368 1.02 -16.40 11.06
CA ASN A 368 0.20 -17.58 10.80
C ASN A 368 0.69 -18.23 9.50
N PHE A 369 -0.17 -19.06 8.91
CA PHE A 369 0.15 -19.74 7.65
C PHE A 369 -1.07 -19.66 6.75
N ASP A 370 -0.91 -19.08 5.56
CA ASP A 370 -2.02 -18.97 4.62
C ASP A 370 -2.51 -20.36 4.25
N LYS A 371 -3.81 -20.50 4.01
CA LYS A 371 -4.38 -21.80 3.67
C LYS A 371 -4.66 -21.97 2.17
N ALA A 372 -5.13 -20.91 1.54
CA ALA A 372 -5.47 -20.98 0.12
C ALA A 372 -5.67 -19.63 -0.52
N VAL A 373 -5.82 -19.65 -1.84
CA VAL A 373 -6.09 -18.44 -2.61
C VAL A 373 -7.34 -18.71 -3.43
N PHE A 374 -8.26 -17.76 -3.40
CA PHE A 374 -9.54 -17.83 -4.10
C PHE A 374 -9.67 -16.76 -5.16
N LYS A 375 -10.43 -17.08 -6.20
CA LYS A 375 -10.73 -16.11 -7.23
C LYS A 375 -12.06 -15.52 -6.76
N ILE A 376 -12.20 -14.20 -6.89
CA ILE A 376 -13.43 -13.52 -6.47
C ILE A 376 -13.79 -12.43 -7.46
N ASN A 377 -14.96 -11.83 -7.26
CA ASN A 377 -15.43 -10.73 -8.11
C ASN A 377 -16.28 -9.81 -7.23
N ILE A 378 -15.64 -8.75 -6.73
CA ILE A 378 -16.34 -7.82 -5.84
C ILE A 378 -17.05 -6.69 -6.54
N VAL A 379 -16.98 -6.61 -7.87
CA VAL A 379 -17.63 -5.52 -8.59
C VAL A 379 -19.16 -5.53 -8.52
N PRO A 380 -19.80 -6.69 -8.73
CA PRO A 380 -21.27 -6.74 -8.67
C PRO A 380 -21.76 -6.46 -7.25
N LYS A 381 -22.74 -5.56 -7.10
CA LYS A 381 -23.25 -5.25 -5.78
C LYS A 381 -23.92 -6.43 -5.10
N VAL A 382 -24.32 -7.43 -5.88
CA VAL A 382 -24.96 -8.60 -5.31
C VAL A 382 -23.92 -9.50 -4.64
N ASN A 383 -22.65 -9.18 -4.87
CA ASN A 383 -21.53 -9.93 -4.31
C ASN A 383 -20.81 -9.22 -3.18
N TYR A 384 -20.60 -7.92 -3.34
CA TYR A 384 -19.82 -7.15 -2.38
C TYR A 384 -20.20 -5.68 -2.42
N THR A 385 -20.26 -5.03 -1.27
CA THR A 385 -20.62 -3.61 -1.27
C THR A 385 -19.63 -2.79 -0.46
N ILE A 386 -19.65 -1.48 -0.70
CA ILE A 386 -18.79 -0.54 -0.01
C ILE A 386 -19.04 -0.61 1.49
N TYR A 387 -20.30 -0.72 1.87
CA TYR A 387 -20.71 -0.72 3.26
C TYR A 387 -20.55 -2.02 4.05
N ASP A 388 -20.77 -3.16 3.40
CA ASP A 388 -20.70 -4.44 4.10
C ASP A 388 -19.70 -5.44 3.57
N GLY A 389 -18.97 -5.11 2.52
CA GLY A 389 -18.05 -6.09 1.96
C GLY A 389 -18.89 -7.29 1.52
N PHE A 390 -18.48 -8.50 1.89
CA PHE A 390 -19.21 -9.72 1.53
C PHE A 390 -20.41 -10.00 2.42
N ASN A 391 -20.42 -9.44 3.63
CA ASN A 391 -21.49 -9.70 4.60
C ASN A 391 -22.67 -8.76 4.40
N LEU A 392 -23.35 -8.96 3.28
CA LEU A 392 -24.48 -8.13 2.89
C LEU A 392 -25.61 -8.07 3.91
N ARG A 393 -25.95 -6.84 4.31
CA ARG A 393 -27.02 -6.63 5.28
C ARG A 393 -28.35 -7.14 4.72
N ASN A 394 -29.25 -7.50 5.63
CA ASN A 394 -30.57 -7.99 5.27
C ASN A 394 -30.59 -9.21 4.34
N THR A 395 -29.62 -10.09 4.51
CA THR A 395 -29.53 -11.33 3.74
C THR A 395 -28.95 -12.36 4.69
N ASN A 396 -28.92 -13.61 4.26
CA ASN A 396 -28.37 -14.68 5.08
C ASN A 396 -26.87 -14.53 5.31
N LEU A 397 -26.25 -13.58 4.63
CA LEU A 397 -24.82 -13.36 4.76
C LEU A 397 -24.48 -12.22 5.73
N ALA A 398 -25.50 -11.56 6.25
CA ALA A 398 -25.29 -10.43 7.15
C ALA A 398 -24.63 -10.76 8.49
N ALA A 399 -25.03 -11.86 9.11
CA ALA A 399 -24.49 -12.21 10.41
C ALA A 399 -23.39 -13.28 10.43
N ASN A 400 -22.66 -13.31 11.54
CA ASN A 400 -21.60 -14.28 11.75
C ASN A 400 -20.57 -14.36 10.63
N PHE A 401 -20.36 -13.24 9.94
CA PHE A 401 -19.40 -13.17 8.84
C PHE A 401 -19.73 -14.24 7.78
N ASN A 402 -21.01 -14.56 7.63
CA ASN A 402 -21.42 -15.58 6.66
C ASN A 402 -20.97 -15.27 5.23
N GLY A 403 -20.84 -13.99 4.92
CA GLY A 403 -20.40 -13.61 3.58
C GLY A 403 -18.95 -13.99 3.31
N GLN A 404 -18.15 -14.04 4.38
CA GLN A 404 -16.75 -14.41 4.25
C GLN A 404 -16.55 -15.92 4.39
N ASN A 405 -17.63 -16.61 4.79
CA ASN A 405 -17.60 -18.06 4.96
C ASN A 405 -17.68 -18.63 3.55
N THR A 406 -16.57 -19.17 3.06
CA THR A 406 -16.53 -19.70 1.69
C THR A 406 -17.39 -20.94 1.48
N GLU A 407 -17.84 -21.56 2.56
CA GLU A 407 -18.67 -22.73 2.44
C GLU A 407 -20.14 -22.35 2.32
N ILE A 408 -20.52 -21.29 3.02
CA ILE A 408 -21.90 -20.80 2.97
C ILE A 408 -22.10 -19.95 1.72
N ASN A 409 -21.19 -19.03 1.48
CA ASN A 409 -21.22 -18.13 0.33
C ASN A 409 -20.25 -18.66 -0.74
N ASN A 410 -20.38 -19.94 -1.06
CA ASN A 410 -19.50 -20.59 -2.04
C ASN A 410 -19.57 -20.04 -3.46
N MET A 411 -20.68 -19.44 -3.84
CA MET A 411 -20.82 -18.91 -5.19
C MET A 411 -19.89 -17.70 -5.43
N ASN A 412 -19.34 -17.15 -4.34
CA ASN A 412 -18.46 -15.99 -4.45
C ASN A 412 -16.98 -16.33 -4.38
N PHE A 413 -16.65 -17.61 -4.27
CA PHE A 413 -15.25 -18.01 -4.17
C PHE A 413 -14.94 -19.29 -4.95
N THR A 414 -13.84 -19.26 -5.68
CA THR A 414 -13.38 -20.43 -6.43
C THR A 414 -11.95 -20.68 -5.93
N LYS A 415 -11.75 -21.79 -5.24
CA LYS A 415 -10.41 -22.07 -4.72
C LYS A 415 -9.47 -22.42 -5.87
N LEU A 416 -8.37 -21.68 -5.97
CA LEU A 416 -7.42 -21.91 -7.05
C LEU A 416 -6.25 -22.79 -6.64
N LYS A 417 -5.84 -22.67 -5.38
CA LYS A 417 -4.70 -23.43 -4.89
C LYS A 417 -4.71 -23.56 -3.36
N ASN A 418 -4.31 -24.73 -2.87
CA ASN A 418 -4.21 -25.00 -1.45
C ASN A 418 -2.75 -24.85 -1.07
N PHE A 419 -2.49 -24.19 0.05
CA PHE A 419 -1.11 -24.01 0.50
C PHE A 419 -0.78 -24.97 1.65
N THR A 420 -1.79 -25.34 2.42
CA THR A 420 -1.57 -26.22 3.56
C THR A 420 -0.85 -27.51 3.18
N GLY A 421 0.18 -27.86 3.97
CA GLY A 421 0.94 -29.05 3.72
C GLY A 421 2.11 -28.83 2.77
N LEU A 422 2.19 -27.63 2.20
CA LEU A 422 3.25 -27.31 1.25
C LEU A 422 4.40 -26.50 1.85
N PHE A 423 4.24 -26.08 3.11
CA PHE A 423 5.30 -25.31 3.75
C PHE A 423 6.46 -26.18 4.19
N ARG B 1 3.29 -6.23 2.75
CA ARG B 1 3.36 -7.60 2.28
C ARG B 1 2.59 -8.54 3.20
N ARG B 2 2.02 -9.59 2.62
CA ARG B 2 1.23 -10.59 3.31
C ARG B 2 2.01 -11.53 4.25
N GLY B 3 3.19 -11.97 3.82
CA GLY B 3 3.96 -12.93 4.62
C GLY B 3 3.50 -14.38 4.41
N CYS B 4 3.87 -15.26 5.35
CA CYS B 4 3.53 -16.70 5.30
C CYS B 4 2.05 -16.92 5.42
#